data_8SWI
#
_entry.id   8SWI
#
_cell.length_a   70.290
_cell.length_b   70.290
_cell.length_c   200.310
_cell.angle_alpha   90.00
_cell.angle_beta   90.00
_cell.angle_gamma   120.00
#
_symmetry.space_group_name_H-M   'P 31 2 1'
#
loop_
_entity.id
_entity.type
_entity.pdbx_description
1 polymer 'Eukaryotic huntingtin interacting protein B'
2 polymer 'Histone H3 peptided'
3 non-polymer S-ADENOSYL-L-HOMOCYSTEINE
#
loop_
_entity_poly.entity_id
_entity_poly.type
_entity_poly.pdbx_seq_one_letter_code
_entity_poly.pdbx_strand_id
1 'polypeptide(L)'
;NADEWIDTSKIMLDLHIDNMSSSDYIPSAIDRTDLVMVQSVHLLRKTGGRGLFAREDIPKGTCIGIYTGEVYSEQEFEQY
LKEHVGSDKSYAMYVGGRVIDAARKGNLTRYINFSDSQDNAEFVETTLNRKKVAKVITTKNIKAGQQLLINYNTYEEQAS
RYYYFLNPGDGWLSAQEFYQTYQSQYRLEQMPYNLEGFDLKAGDRVLMTQIGRIILANYSLAKEQELNASDIDLPFLKVG
SDEKILDFDEADTFTPLMAACYLGQVENVKWLIEHGANIDQQQSHSGHCPLSLTLKGYSLAKDTQKYIDIIQLLIKNQVN
LLVHDRSDKTFLHNAALVLNNLDFQSVVKFLIGQNPIDINEYFTYIDENDFDIVMHCYNNKLFDKALVLLAFYPDYFKRN
YMSDNEGHNQFNINAFRKAIKDFNSNERSILLMQLRESGLHLPEDLLEQLG
;
A
2 'polypeptide(L)' ARTKQTARKSTG B
#
# COMPACT_ATOMS: atom_id res chain seq x y z
N ASN A 1 -45.86 -4.06 0.53
CA ASN A 1 -44.78 -3.30 1.21
C ASN A 1 -44.13 -2.33 0.22
N ALA A 2 -43.39 -1.35 0.74
CA ALA A 2 -42.68 -0.44 -0.16
C ALA A 2 -41.48 -1.10 -0.83
N ASP A 3 -41.09 -2.28 -0.37
CA ASP A 3 -39.98 -3.00 -1.03
C ASP A 3 -40.37 -3.34 -2.46
N GLU A 4 -41.67 -3.53 -2.70
CA GLU A 4 -42.13 -3.95 -4.02
C GLU A 4 -41.82 -2.94 -5.11
N TRP A 5 -41.33 -1.75 -4.76
CA TRP A 5 -40.96 -0.73 -5.74
C TRP A 5 -39.46 -0.72 -6.03
N ILE A 6 -38.72 -1.72 -5.55
CA ILE A 6 -37.28 -1.80 -5.74
C ILE A 6 -36.98 -3.12 -6.44
N ASP A 7 -36.64 -3.04 -7.72
CA ASP A 7 -36.29 -4.22 -8.52
C ASP A 7 -34.76 -4.33 -8.53
N THR A 8 -34.23 -5.19 -7.66
CA THR A 8 -32.79 -5.37 -7.56
C THR A 8 -32.19 -6.07 -8.76
N SER A 9 -33.02 -6.75 -9.57
CA SER A 9 -32.51 -7.45 -10.74
C SER A 9 -31.93 -6.47 -11.76
N LYS A 10 -32.64 -5.37 -12.02
CA LYS A 10 -32.12 -4.36 -12.93
C LYS A 10 -30.85 -3.72 -12.37
N ILE A 11 -30.78 -3.55 -11.05
CA ILE A 11 -29.58 -3.00 -10.43
C ILE A 11 -28.39 -3.93 -10.67
N MET A 12 -28.59 -5.22 -10.43
CA MET A 12 -27.51 -6.19 -10.65
C MET A 12 -27.11 -6.26 -12.11
N LEU A 13 -28.09 -6.14 -13.02
CA LEU A 13 -27.79 -6.24 -14.45
C LEU A 13 -26.99 -5.04 -14.92
N ASP A 14 -27.47 -3.83 -14.61
CA ASP A 14 -26.77 -2.62 -15.03
C ASP A 14 -25.41 -2.50 -14.38
N LEU A 15 -25.28 -2.95 -13.13
CA LEU A 15 -24.01 -2.91 -12.43
C LEU A 15 -23.08 -4.06 -12.79
N HIS A 16 -23.52 -4.95 -13.69
CA HIS A 16 -22.72 -6.09 -14.14
C HIS A 16 -22.38 -7.03 -12.97
N ILE A 17 -23.41 -7.44 -12.24
CA ILE A 17 -23.29 -8.39 -11.14
C ILE A 17 -23.85 -9.72 -11.60
N ASP A 18 -23.04 -10.78 -11.45
CA ASP A 18 -23.41 -12.11 -11.93
C ASP A 18 -23.26 -13.19 -10.87
N ASN A 19 -23.06 -12.82 -9.60
CA ASN A 19 -22.86 -13.79 -8.54
C ASN A 19 -23.77 -13.51 -7.34
N MET A 20 -24.92 -12.87 -7.59
CA MET A 20 -25.86 -12.57 -6.52
C MET A 20 -27.28 -12.75 -7.04
N SER A 21 -28.19 -13.05 -6.12
CA SER A 21 -29.60 -13.18 -6.46
C SER A 21 -30.34 -11.86 -6.20
N SER A 22 -31.62 -11.85 -6.58
CA SER A 22 -32.41 -10.63 -6.40
C SER A 22 -32.67 -10.33 -4.93
N SER A 23 -32.96 -11.36 -4.13
CA SER A 23 -33.28 -11.16 -2.73
C SER A 23 -32.05 -10.88 -1.88
N ASP A 24 -30.85 -11.09 -2.41
CA ASP A 24 -29.63 -10.91 -1.64
C ASP A 24 -28.96 -9.56 -1.87
N TYR A 25 -29.54 -8.69 -2.69
CA TYR A 25 -28.98 -7.36 -2.92
C TYR A 25 -29.75 -6.36 -2.06
N ILE A 26 -29.02 -5.66 -1.18
CA ILE A 26 -29.62 -4.70 -0.26
C ILE A 26 -29.19 -3.29 -0.68
N PRO A 27 -30.00 -2.58 -1.46
CA PRO A 27 -29.61 -1.24 -1.90
C PRO A 27 -29.83 -0.21 -0.80
N SER A 28 -29.34 1.01 -1.07
CA SER A 28 -29.53 2.14 -0.19
C SER A 28 -29.88 3.36 -1.04
N ALA A 29 -30.04 4.51 -0.37
CA ALA A 29 -30.49 5.71 -1.06
C ALA A 29 -29.36 6.45 -1.77
N ILE A 30 -28.14 6.38 -1.24
CA ILE A 30 -27.04 7.17 -1.79
C ILE A 30 -26.19 6.33 -2.72
N ASP A 31 -26.65 5.12 -3.03
CA ASP A 31 -25.92 4.25 -3.95
C ASP A 31 -25.91 4.87 -5.34
N ARG A 32 -24.72 5.04 -5.89
CA ARG A 32 -24.54 5.68 -7.20
C ARG A 32 -24.19 4.60 -8.21
N THR A 33 -25.23 3.89 -8.67
CA THR A 33 -25.04 2.84 -9.66
C THR A 33 -24.60 3.40 -11.01
N ASP A 34 -24.80 4.70 -11.24
CA ASP A 34 -24.43 5.33 -12.49
C ASP A 34 -22.94 5.60 -12.61
N LEU A 35 -22.23 5.69 -11.48
CA LEU A 35 -20.83 6.11 -11.49
C LEU A 35 -19.84 4.96 -11.48
N VAL A 36 -20.25 3.75 -11.07
CA VAL A 36 -19.34 2.62 -10.95
C VAL A 36 -19.97 1.39 -11.58
N MET A 37 -19.17 0.33 -11.67
CA MET A 37 -19.61 -0.94 -12.23
C MET A 37 -18.75 -2.06 -11.65
N VAL A 38 -19.38 -3.22 -11.45
CA VAL A 38 -18.70 -4.39 -10.90
C VAL A 38 -18.14 -5.20 -12.06
N GLN A 39 -16.83 -5.40 -12.07
CA GLN A 39 -16.15 -6.13 -13.13
C GLN A 39 -15.20 -7.14 -12.51
N SER A 40 -14.46 -7.85 -13.36
CA SER A 40 -13.52 -8.88 -12.92
C SER A 40 -12.12 -8.31 -12.79
N VAL A 41 -11.29 -9.06 -12.06
CA VAL A 41 -9.88 -8.71 -11.86
C VAL A 41 -9.06 -9.90 -12.33
N HIS A 42 -8.34 -9.72 -13.44
CA HIS A 42 -7.61 -10.85 -14.03
C HIS A 42 -6.49 -11.33 -13.13
N LEU A 43 -5.97 -10.46 -12.26
CA LEU A 43 -4.98 -10.89 -11.28
C LEU A 43 -5.58 -11.88 -10.30
N LEU A 44 -6.88 -11.78 -10.03
CA LEU A 44 -7.58 -12.67 -9.11
C LEU A 44 -8.49 -13.62 -9.87
N ARG A 45 -8.03 -14.12 -11.02
CA ARG A 45 -8.86 -15.02 -11.83
C ARG A 45 -8.93 -16.41 -11.23
N LYS A 46 -7.90 -16.85 -10.52
CA LYS A 46 -7.90 -18.20 -9.96
C LYS A 46 -8.87 -18.29 -8.77
N THR A 47 -8.81 -17.32 -7.87
CA THR A 47 -9.76 -17.25 -6.75
C THR A 47 -11.13 -16.76 -7.19
N GLY A 48 -11.28 -16.30 -8.43
CA GLY A 48 -12.55 -15.79 -8.89
C GLY A 48 -12.93 -14.45 -8.31
N GLY A 49 -11.94 -13.64 -7.93
CA GLY A 49 -12.24 -12.36 -7.34
C GLY A 49 -12.67 -11.33 -8.36
N ARG A 50 -13.48 -10.39 -7.90
CA ARG A 50 -13.96 -9.28 -8.72
C ARG A 50 -13.52 -7.96 -8.10
N GLY A 51 -14.00 -6.87 -8.67
CA GLY A 51 -13.66 -5.54 -8.19
C GLY A 51 -14.67 -4.52 -8.69
N LEU A 52 -14.53 -3.31 -8.15
CA LEU A 52 -15.40 -2.18 -8.47
C LEU A 52 -14.59 -1.15 -9.25
N PHE A 53 -15.03 -0.83 -10.46
CA PHE A 53 -14.35 0.10 -11.35
C PHE A 53 -15.24 1.29 -11.62
N ALA A 54 -14.64 2.35 -12.15
CA ALA A 54 -15.34 3.60 -12.43
C ALA A 54 -15.85 3.59 -13.86
N ARG A 55 -17.17 3.68 -14.03
CA ARG A 55 -17.74 3.76 -15.37
C ARG A 55 -17.48 5.13 -15.99
N GLU A 56 -17.51 6.18 -15.16
CA GLU A 56 -17.18 7.53 -15.58
C GLU A 56 -16.25 8.15 -14.54
N ASP A 57 -15.68 9.30 -14.90
CA ASP A 57 -14.76 9.97 -14.00
C ASP A 57 -15.50 10.50 -12.77
N ILE A 58 -14.84 10.41 -11.62
CA ILE A 58 -15.47 10.77 -10.35
C ILE A 58 -14.57 11.74 -9.60
N PRO A 59 -15.09 12.88 -9.15
CA PRO A 59 -14.26 13.85 -8.42
C PRO A 59 -13.93 13.35 -7.02
N LYS A 60 -13.05 14.11 -6.37
CA LYS A 60 -12.64 13.80 -5.00
C LYS A 60 -13.71 14.23 -4.01
N GLY A 61 -13.96 13.38 -3.03
CA GLY A 61 -14.97 13.68 -2.02
C GLY A 61 -16.39 13.40 -2.45
N THR A 62 -16.60 12.36 -3.27
CA THR A 62 -17.92 12.03 -3.78
C THR A 62 -18.47 10.82 -3.03
N CYS A 63 -19.76 10.87 -2.69
CA CYS A 63 -20.40 9.75 -2.03
C CYS A 63 -20.60 8.60 -3.01
N ILE A 64 -20.14 7.41 -2.60
CA ILE A 64 -20.30 6.20 -3.40
C ILE A 64 -21.48 5.37 -2.93
N GLY A 65 -21.60 5.15 -1.62
CA GLY A 65 -22.71 4.39 -1.10
C GLY A 65 -22.48 4.00 0.35
N ILE A 66 -23.38 3.15 0.84
CA ILE A 66 -23.37 2.65 2.22
C ILE A 66 -23.11 1.15 2.18
N TYR A 67 -22.26 0.69 3.10
CA TYR A 67 -21.97 -0.74 3.23
C TYR A 67 -23.18 -1.42 3.86
N THR A 68 -23.97 -2.12 3.06
CA THR A 68 -25.17 -2.80 3.53
C THR A 68 -24.90 -4.30 3.66
N GLY A 69 -25.75 -4.94 4.47
CA GLY A 69 -25.63 -6.38 4.68
C GLY A 69 -26.48 -6.81 5.86
N GLU A 70 -26.33 -8.08 6.21
CA GLU A 70 -27.07 -8.64 7.33
C GLU A 70 -26.54 -8.09 8.64
N VAL A 71 -27.46 -7.78 9.56
CA VAL A 71 -27.14 -7.12 10.82
C VAL A 71 -27.02 -8.17 11.91
N TYR A 72 -25.94 -8.09 12.69
CA TYR A 72 -25.75 -8.95 13.85
C TYR A 72 -25.16 -8.13 14.98
N SER A 73 -25.27 -8.65 16.20
CA SER A 73 -24.51 -8.11 17.31
C SER A 73 -23.14 -8.78 17.36
N GLU A 74 -22.30 -8.30 18.27
CA GLU A 74 -20.94 -8.84 18.36
C GLU A 74 -20.96 -10.27 18.89
N GLN A 75 -21.94 -10.62 19.72
CA GLN A 75 -22.05 -11.98 20.22
C GLN A 75 -22.82 -12.89 19.27
N GLU A 76 -23.86 -12.37 18.62
CA GLU A 76 -24.61 -13.16 17.65
C GLU A 76 -23.74 -13.55 16.46
N PHE A 77 -22.82 -12.67 16.06
CA PHE A 77 -21.95 -12.98 14.92
C PHE A 77 -20.97 -14.09 15.26
N GLU A 78 -20.41 -14.06 16.47
CA GLU A 78 -19.53 -15.15 16.90
C GLU A 78 -20.30 -16.46 16.98
N GLN A 79 -21.55 -16.41 17.42
CA GLN A 79 -22.36 -17.63 17.46
C GLN A 79 -22.65 -18.15 16.06
N TYR A 80 -22.93 -17.25 15.11
CA TYR A 80 -23.14 -17.67 13.73
C TYR A 80 -21.88 -18.31 13.16
N LEU A 81 -20.71 -17.73 13.47
CA LEU A 81 -19.46 -18.30 12.99
C LEU A 81 -19.21 -19.67 13.59
N LYS A 82 -19.48 -19.82 14.88
CA LYS A 82 -19.24 -21.10 15.56
C LYS A 82 -20.27 -22.16 15.17
N GLU A 83 -21.44 -21.77 14.69
CA GLU A 83 -22.47 -22.72 14.29
C GLU A 83 -22.45 -23.04 12.80
N HIS A 84 -21.81 -22.19 11.98
CA HIS A 84 -21.76 -22.39 10.53
C HIS A 84 -20.30 -22.50 10.12
N VAL A 85 -19.85 -23.73 9.86
CA VAL A 85 -18.49 -23.94 9.39
C VAL A 85 -18.36 -23.40 7.97
N GLY A 86 -17.23 -22.75 7.68
CA GLY A 86 -17.00 -22.10 6.41
C GLY A 86 -17.24 -20.61 6.41
N SER A 87 -17.96 -20.09 7.40
CA SER A 87 -18.20 -18.66 7.48
C SER A 87 -16.92 -17.93 7.86
N ASP A 88 -16.79 -16.70 7.38
CA ASP A 88 -15.57 -15.93 7.61
C ASP A 88 -15.92 -14.45 7.75
N LYS A 89 -15.02 -13.72 8.39
CA LYS A 89 -15.15 -12.28 8.58
C LYS A 89 -14.64 -11.48 7.40
N SER A 90 -14.54 -12.09 6.22
CA SER A 90 -14.01 -11.39 5.05
C SER A 90 -14.92 -10.26 4.61
N TYR A 91 -16.23 -10.39 4.85
CA TYR A 91 -17.21 -9.39 4.44
C TYR A 91 -17.88 -8.75 5.65
N ALA A 92 -17.20 -8.72 6.79
CA ALA A 92 -17.77 -8.24 8.04
C ALA A 92 -17.25 -6.85 8.36
N MET A 93 -18.18 -5.94 8.69
CA MET A 93 -17.87 -4.57 9.07
C MET A 93 -18.30 -4.36 10.51
N TYR A 94 -17.35 -4.00 11.37
CA TYR A 94 -17.61 -3.76 12.78
C TYR A 94 -17.80 -2.26 12.97
N VAL A 95 -19.05 -1.83 13.08
CA VAL A 95 -19.38 -0.41 13.16
C VAL A 95 -20.46 -0.21 14.21
N GLY A 96 -20.24 0.74 15.11
CA GLY A 96 -21.24 1.10 16.11
C GLY A 96 -21.67 -0.04 17.00
N GLY A 97 -20.74 -0.89 17.41
CA GLY A 97 -21.08 -2.05 18.21
C GLY A 97 -21.89 -3.10 17.50
N ARG A 98 -22.06 -2.97 16.18
CA ARG A 98 -22.81 -3.92 15.37
C ARG A 98 -21.90 -4.49 14.29
N VAL A 99 -22.35 -5.59 13.67
CA VAL A 99 -21.62 -6.25 12.61
C VAL A 99 -22.52 -6.31 11.39
N ILE A 100 -22.06 -5.71 10.30
CA ILE A 100 -22.75 -5.75 9.01
C ILE A 100 -21.98 -6.75 8.14
N ASP A 101 -22.58 -7.90 7.86
CA ASP A 101 -21.92 -8.97 7.11
C ASP A 101 -22.51 -9.03 5.71
N ALA A 102 -21.65 -8.91 4.71
CA ALA A 102 -22.05 -8.97 3.31
C ALA A 102 -21.54 -10.24 2.63
N ALA A 103 -21.27 -11.29 3.40
CA ALA A 103 -20.77 -12.53 2.82
C ALA A 103 -21.83 -13.23 1.97
N ARG A 104 -23.11 -12.91 2.17
CA ARG A 104 -24.21 -13.47 1.39
C ARG A 104 -25.22 -12.43 0.93
N LYS A 105 -25.38 -11.31 1.63
CA LYS A 105 -26.28 -10.25 1.21
C LYS A 105 -25.59 -8.90 1.36
N GLY A 106 -25.55 -8.12 0.29
CA GLY A 106 -24.86 -6.85 0.32
C GLY A 106 -25.24 -5.98 -0.84
N ASN A 107 -24.41 -4.97 -1.08
CA ASN A 107 -24.62 -4.05 -2.19
C ASN A 107 -23.33 -3.96 -2.99
N LEU A 108 -23.15 -2.84 -3.69
CA LEU A 108 -21.99 -2.67 -4.57
C LEU A 108 -20.71 -2.42 -3.78
N THR A 109 -20.81 -2.06 -2.50
CA THR A 109 -19.62 -1.74 -1.72
C THR A 109 -18.80 -2.97 -1.37
N ARG A 110 -19.40 -4.17 -1.45
CA ARG A 110 -18.71 -5.39 -1.04
C ARG A 110 -17.61 -5.81 -2.01
N TYR A 111 -17.49 -5.16 -3.16
CA TYR A 111 -16.52 -5.55 -4.18
C TYR A 111 -15.26 -4.70 -4.15
N ILE A 112 -15.16 -3.74 -3.26
CA ILE A 112 -13.96 -2.90 -3.16
C ILE A 112 -12.86 -3.69 -2.45
N ASN A 113 -11.65 -3.64 -3.01
CA ASN A 113 -10.54 -4.44 -2.51
C ASN A 113 -9.67 -3.62 -1.56
N PHE A 114 -8.61 -4.25 -1.07
CA PHE A 114 -7.77 -3.69 -0.03
C PHE A 114 -6.52 -3.02 -0.61
N SER A 115 -6.12 -1.92 0.02
CA SER A 115 -4.90 -1.21 -0.32
C SER A 115 -4.51 -0.26 0.81
N ASP A 116 -3.29 -0.39 1.33
CA ASP A 116 -2.78 0.48 2.39
C ASP A 116 -1.70 1.44 1.89
N SER A 117 -1.79 1.82 0.61
CA SER A 117 -0.83 2.75 0.03
C SER A 117 -1.46 3.54 -1.10
N GLN A 118 -2.22 2.85 -1.96
CA GLN A 118 -2.88 3.47 -3.11
C GLN A 118 -4.39 3.50 -2.95
N ASP A 119 -4.87 3.56 -1.71
CA ASP A 119 -6.31 3.62 -1.45
C ASP A 119 -6.89 4.94 -1.96
N ASN A 120 -7.88 4.86 -2.84
CA ASN A 120 -8.52 6.04 -3.40
C ASN A 120 -9.87 6.33 -2.75
N ALA A 121 -10.28 5.55 -1.76
CA ALA A 121 -11.52 5.79 -1.04
C ALA A 121 -11.32 5.40 0.42
N GLU A 122 -12.28 5.77 1.26
CA GLU A 122 -12.19 5.47 2.68
C GLU A 122 -13.58 5.28 3.26
N PHE A 123 -13.64 4.59 4.40
CA PHE A 123 -14.88 4.37 5.13
C PHE A 123 -15.07 5.50 6.14
N VAL A 124 -16.28 6.05 6.18
CA VAL A 124 -16.63 7.15 7.07
C VAL A 124 -17.90 6.77 7.83
N GLU A 125 -17.90 7.04 9.14
CA GLU A 125 -19.05 6.74 9.98
C GLU A 125 -20.11 7.82 9.81
N THR A 126 -21.33 7.40 9.49
CA THR A 126 -22.46 8.30 9.31
C THR A 126 -23.68 7.69 9.99
N THR A 127 -24.83 8.33 9.82
CA THR A 127 -26.06 7.92 10.50
C THR A 127 -27.16 7.68 9.48
N LEU A 128 -27.87 6.56 9.64
CA LEU A 128 -29.04 6.22 8.84
C LEU A 128 -30.09 5.62 9.77
N ASN A 129 -31.30 6.17 9.73
CA ASN A 129 -32.39 5.77 10.64
C ASN A 129 -31.94 5.89 12.10
N ARG A 130 -31.19 6.96 12.38
CA ARG A 130 -30.64 7.22 13.71
C ARG A 130 -29.76 6.07 14.20
N LYS A 131 -29.12 5.36 13.28
CA LYS A 131 -28.23 4.26 13.61
C LYS A 131 -26.90 4.45 12.91
N LYS A 132 -25.83 4.01 13.57
CA LYS A 132 -24.49 4.18 13.03
C LYS A 132 -24.26 3.22 11.86
N VAL A 133 -23.81 3.76 10.73
CA VAL A 133 -23.50 2.98 9.54
C VAL A 133 -22.20 3.52 8.95
N ALA A 134 -21.72 2.83 7.92
CA ALA A 134 -20.48 3.18 7.24
C ALA A 134 -20.76 3.52 5.79
N LYS A 135 -20.05 4.52 5.27
CA LYS A 135 -20.19 4.95 3.88
C LYS A 135 -18.82 5.01 3.23
N VAL A 136 -18.81 4.99 1.90
CA VAL A 136 -17.59 5.04 1.11
C VAL A 136 -17.45 6.44 0.52
N ILE A 137 -16.34 7.10 0.81
CA ILE A 137 -16.07 8.45 0.32
C ILE A 137 -14.78 8.42 -0.48
N THR A 138 -14.82 8.95 -1.70
CA THR A 138 -13.64 9.00 -2.54
C THR A 138 -12.63 9.99 -1.97
N THR A 139 -11.39 9.54 -1.81
CA THR A 139 -10.33 10.40 -1.32
C THR A 139 -9.55 11.09 -2.43
N LYS A 140 -9.77 10.71 -3.68
CA LYS A 140 -9.06 11.32 -4.81
C LYS A 140 -9.98 11.33 -6.02
N ASN A 141 -9.63 12.17 -6.99
CA ASN A 141 -10.37 12.23 -8.24
C ASN A 141 -10.13 10.93 -9.03
N ILE A 142 -11.20 10.25 -9.38
CA ILE A 142 -11.13 8.95 -10.04
C ILE A 142 -11.23 9.15 -11.54
N LYS A 143 -10.35 8.50 -12.29
CA LYS A 143 -10.42 8.48 -13.74
C LYS A 143 -11.25 7.28 -14.19
N ALA A 144 -12.06 7.48 -15.22
CA ALA A 144 -12.96 6.43 -15.70
C ALA A 144 -12.17 5.19 -16.11
N GLY A 145 -12.50 4.05 -15.51
CA GLY A 145 -11.87 2.78 -15.79
C GLY A 145 -11.00 2.25 -14.68
N GLN A 146 -10.51 3.12 -13.80
CA GLN A 146 -9.64 2.67 -12.71
C GLN A 146 -10.44 1.90 -11.67
N GLN A 147 -9.73 1.06 -10.91
CA GLN A 147 -10.35 0.25 -9.88
C GLN A 147 -10.33 1.00 -8.55
N LEU A 148 -11.43 0.89 -7.80
CA LEU A 148 -11.51 1.53 -6.49
C LEU A 148 -10.79 0.67 -5.46
N LEU A 149 -9.97 1.34 -4.64
CA LEU A 149 -9.23 0.68 -3.57
C LEU A 149 -9.50 1.38 -2.26
N ILE A 150 -9.51 0.60 -1.17
CA ILE A 150 -9.86 1.12 0.15
C ILE A 150 -9.03 0.37 1.19
N ASN A 151 -8.90 0.98 2.36
CA ASN A 151 -8.20 0.38 3.48
C ASN A 151 -9.23 -0.22 4.43
N TYR A 152 -9.13 -1.53 4.68
CA TYR A 152 -10.08 -2.19 5.56
C TYR A 152 -9.94 -1.79 7.02
N ASN A 153 -8.90 -1.03 7.36
CA ASN A 153 -8.68 -0.53 8.73
C ASN A 153 -8.56 -1.67 9.73
N THR A 154 -8.13 -2.85 9.26
CA THR A 154 -7.92 -4.01 10.12
C THR A 154 -6.70 -4.77 9.61
N TYR A 155 -6.05 -5.50 10.52
CA TYR A 155 -4.86 -6.26 10.20
C TYR A 155 -5.09 -7.74 10.47
N GLU A 156 -4.61 -8.56 9.54
CA GLU A 156 -4.62 -10.02 9.69
C GLU A 156 -3.40 -10.57 8.96
N GLU A 157 -2.79 -11.61 9.54
CA GLU A 157 -1.57 -12.15 8.96
C GLU A 157 -1.82 -12.76 7.58
N GLN A 158 -3.01 -13.31 7.35
CA GLN A 158 -3.32 -13.88 6.04
C GLN A 158 -3.32 -12.81 4.96
N ALA A 159 -3.61 -11.56 5.31
CA ALA A 159 -3.56 -10.49 4.33
C ALA A 159 -2.13 -10.27 3.84
N SER A 160 -1.25 -9.84 4.74
CA SER A 160 0.15 -9.68 4.39
C SER A 160 0.83 -11.00 4.01
N ARG A 161 0.12 -12.14 4.04
CA ARG A 161 0.74 -13.39 3.62
C ARG A 161 0.61 -13.57 2.11
N TYR A 162 -0.56 -13.27 1.56
CA TYR A 162 -0.79 -13.45 0.13
C TYR A 162 -1.91 -12.54 -0.36
N TYR A 163 -1.79 -11.25 -0.07
CA TYR A 163 -2.61 -10.23 -0.73
C TYR A 163 -1.78 -9.63 -1.86
N TYR A 164 -2.32 -9.66 -3.07
CA TYR A 164 -1.65 -9.03 -4.20
C TYR A 164 -1.63 -7.52 -4.01
N PHE A 165 -0.44 -6.94 -4.11
CA PHE A 165 -0.28 -5.49 -4.05
C PHE A 165 -0.97 -4.88 -5.26
N LEU A 166 -2.18 -4.37 -5.06
CA LEU A 166 -3.01 -3.92 -6.16
C LEU A 166 -2.72 -2.48 -6.54
N ASN A 167 -2.84 -2.21 -7.84
CA ASN A 167 -2.74 -0.88 -8.43
C ASN A 167 -4.06 -0.54 -9.12
N PRO A 168 -4.40 0.75 -9.22
CA PRO A 168 -5.66 1.11 -9.90
C PRO A 168 -5.70 0.66 -11.36
N GLY A 169 -4.56 0.54 -12.02
CA GLY A 169 -4.53 0.09 -13.40
C GLY A 169 -4.83 -1.38 -13.58
N ASP A 170 -4.72 -2.18 -12.51
CA ASP A 170 -5.01 -3.60 -12.59
C ASP A 170 -6.48 -3.84 -12.92
N GLY A 171 -6.76 -4.21 -14.17
CA GLY A 171 -8.13 -4.39 -14.61
C GLY A 171 -8.48 -5.82 -14.96
N TRP A 172 -9.44 -5.99 -15.88
CA TRP A 172 -9.91 -7.30 -16.28
C TRP A 172 -9.22 -7.83 -17.54
N LEU A 173 -8.48 -7.00 -18.25
CA LEU A 173 -7.78 -7.46 -19.44
C LEU A 173 -6.57 -8.31 -19.05
N SER A 174 -6.30 -9.34 -19.85
CA SER A 174 -5.10 -10.14 -19.66
C SER A 174 -3.91 -9.47 -20.33
N ALA A 175 -2.74 -10.10 -20.19
CA ALA A 175 -1.54 -9.55 -20.81
C ALA A 175 -1.62 -9.61 -22.34
N GLN A 176 -2.09 -10.73 -22.88
CA GLN A 176 -2.21 -10.86 -24.33
C GLN A 176 -3.20 -9.85 -24.90
N GLU A 177 -4.37 -9.73 -24.26
CA GLU A 177 -5.37 -8.77 -24.72
C GLU A 177 -4.87 -7.34 -24.61
N PHE A 178 -4.23 -7.01 -23.48
CA PHE A 178 -3.67 -5.67 -23.30
C PHE A 178 -2.64 -5.34 -24.37
N TYR A 179 -1.79 -6.31 -24.72
CA TYR A 179 -0.83 -6.10 -25.79
C TYR A 179 -1.53 -5.94 -27.13
N GLN A 180 -2.59 -6.73 -27.36
CA GLN A 180 -3.33 -6.63 -28.62
C GLN A 180 -3.96 -5.26 -28.80
N THR A 181 -4.45 -4.66 -27.71
CA THR A 181 -5.04 -3.33 -27.81
C THR A 181 -3.97 -2.29 -28.14
N TYR A 182 -2.76 -2.46 -27.62
CA TYR A 182 -1.70 -1.48 -27.82
C TYR A 182 -0.51 -2.11 -28.54
N GLN A 183 -0.77 -2.83 -29.65
CA GLN A 183 0.31 -3.43 -30.42
C GLN A 183 1.18 -2.37 -31.07
N SER A 184 0.63 -1.19 -31.35
CA SER A 184 1.39 -0.16 -32.05
C SER A 184 2.49 0.45 -31.18
N GLN A 185 2.36 0.35 -29.85
CA GLN A 185 3.32 0.98 -28.94
C GLN A 185 4.38 0.02 -28.44
N TYR A 186 4.24 -1.27 -28.69
CA TYR A 186 5.13 -2.29 -28.13
C TYR A 186 5.99 -2.91 -29.22
N ARG A 187 7.29 -3.01 -28.96
CA ARG A 187 8.23 -3.73 -29.81
C ARG A 187 8.89 -4.82 -28.99
N LEU A 188 9.17 -5.95 -29.64
CA LEU A 188 9.76 -7.11 -28.98
C LEU A 188 11.26 -7.07 -29.18
N GLU A 189 12.00 -6.82 -28.10
CA GLU A 189 13.46 -6.81 -28.13
C GLU A 189 13.99 -7.94 -27.24
N GLN A 190 15.32 -8.04 -27.20
CA GLN A 190 16.00 -8.98 -26.33
C GLN A 190 16.84 -8.20 -25.32
N MET A 191 16.94 -8.76 -24.12
CA MET A 191 17.65 -8.10 -23.04
C MET A 191 19.13 -7.99 -23.36
N PRO A 192 19.70 -6.78 -23.43
CA PRO A 192 21.15 -6.66 -23.69
C PRO A 192 21.99 -7.14 -22.52
N TYR A 193 21.59 -6.81 -21.30
CA TYR A 193 22.36 -7.19 -20.12
C TYR A 193 21.50 -8.00 -19.15
N ASN A 194 21.96 -8.14 -17.91
CA ASN A 194 21.24 -8.87 -16.88
C ASN A 194 20.59 -7.92 -15.89
N LEU A 195 19.51 -8.38 -15.26
CA LEU A 195 18.78 -7.60 -14.26
C LEU A 195 18.35 -8.53 -13.14
N GLU A 196 19.16 -8.58 -12.08
CA GLU A 196 18.80 -9.39 -10.90
C GLU A 196 17.54 -8.84 -10.25
N GLY A 197 17.40 -7.51 -10.18
CA GLY A 197 16.26 -6.90 -9.55
C GLY A 197 14.94 -7.09 -10.28
N PHE A 198 14.95 -7.71 -11.46
CA PHE A 198 13.73 -7.95 -12.22
C PHE A 198 13.65 -9.38 -12.74
N ASP A 199 14.56 -10.27 -12.32
CA ASP A 199 14.56 -11.67 -12.72
C ASP A 199 14.65 -11.82 -14.24
N LEU A 200 15.50 -11.01 -14.87
CA LEU A 200 15.71 -11.03 -16.31
C LEU A 200 17.17 -11.35 -16.60
N LYS A 201 17.40 -12.11 -17.65
CA LYS A 201 18.75 -12.49 -18.08
C LYS A 201 18.98 -12.04 -19.51
N ALA A 202 20.24 -12.12 -19.92
CA ALA A 202 20.62 -11.70 -21.27
C ALA A 202 19.99 -12.63 -22.31
N GLY A 203 19.39 -12.03 -23.34
CA GLY A 203 18.74 -12.78 -24.38
C GLY A 203 17.28 -13.09 -24.13
N ASP A 204 16.73 -12.70 -22.99
CA ASP A 204 15.32 -12.94 -22.70
C ASP A 204 14.44 -12.02 -23.53
N ARG A 205 13.49 -12.60 -24.25
CA ARG A 205 12.58 -11.82 -25.07
C ARG A 205 11.64 -11.00 -24.20
N VAL A 206 11.60 -9.68 -24.44
CA VAL A 206 10.75 -8.78 -23.68
C VAL A 206 10.06 -7.83 -24.65
N LEU A 207 8.74 -7.70 -24.51
CA LEU A 207 7.98 -6.67 -25.21
C LEU A 207 8.00 -5.39 -24.40
N MET A 208 8.52 -4.32 -24.98
CA MET A 208 8.67 -3.06 -24.26
C MET A 208 8.26 -1.90 -25.16
N THR A 209 7.97 -0.77 -24.52
CA THR A 209 7.63 0.46 -25.22
C THR A 209 8.90 1.24 -25.57
N GLN A 210 8.72 2.27 -26.39
CA GLN A 210 9.86 3.10 -26.79
C GLN A 210 10.49 3.78 -25.60
N ILE A 211 9.67 4.25 -24.66
CA ILE A 211 10.19 4.84 -23.42
C ILE A 211 11.07 3.83 -22.68
N GLY A 212 10.63 2.57 -22.65
CA GLY A 212 11.42 1.55 -21.98
C GLY A 212 12.75 1.30 -22.66
N ARG A 213 12.75 1.26 -23.99
CA ARG A 213 14.01 1.07 -24.72
C ARG A 213 14.95 2.25 -24.50
N ILE A 214 14.40 3.47 -24.47
CA ILE A 214 15.23 4.65 -24.22
C ILE A 214 15.83 4.57 -22.82
N ILE A 215 15.04 4.15 -21.84
CA ILE A 215 15.57 4.01 -20.48
C ILE A 215 16.65 2.94 -20.43
N LEU A 216 16.44 1.83 -21.13
CA LEU A 216 17.43 0.74 -21.08
C LEU A 216 18.71 1.10 -21.82
N ALA A 217 18.65 1.97 -22.81
CA ALA A 217 19.83 2.39 -23.55
C ALA A 217 20.57 3.53 -22.88
N ASN A 218 20.22 3.88 -21.64
CA ASN A 218 20.82 4.98 -20.89
C ASN A 218 20.70 6.32 -21.61
N TYR A 219 19.77 6.41 -22.57
CA TYR A 219 19.57 7.66 -23.28
C TYR A 219 18.81 8.65 -22.40
N SER A 220 18.49 9.80 -22.97
CA SER A 220 17.72 10.84 -22.28
C SER A 220 16.39 11.01 -22.97
N LEU A 221 15.31 10.93 -22.19
CA LEU A 221 13.97 11.08 -22.74
C LEU A 221 13.73 12.50 -23.25
N ALA A 222 14.41 13.49 -22.67
CA ALA A 222 14.24 14.86 -23.11
C ALA A 222 14.88 15.08 -24.48
N LYS A 223 15.96 14.36 -24.80
CA LYS A 223 16.60 14.51 -26.09
C LYS A 223 15.75 13.97 -27.23
N GLU A 224 14.77 13.12 -26.93
CA GLU A 224 13.85 12.65 -27.94
C GLU A 224 12.72 13.67 -28.13
N GLN A 225 12.25 13.78 -29.37
CA GLN A 225 11.27 14.82 -29.72
C GLN A 225 9.84 14.29 -29.57
N GLU A 226 9.42 13.43 -30.49
CA GLU A 226 8.06 12.91 -30.51
C GLU A 226 7.98 11.70 -29.59
N LEU A 227 7.54 11.92 -28.35
CA LEU A 227 7.34 10.86 -27.38
C LEU A 227 5.87 10.85 -26.97
N ASN A 228 5.18 9.75 -27.26
CA ASN A 228 3.78 9.61 -26.87
C ASN A 228 3.66 9.60 -25.35
N ALA A 229 2.53 10.12 -24.85
CA ALA A 229 2.31 10.25 -23.42
C ALA A 229 1.39 9.19 -22.85
N SER A 230 0.58 8.53 -23.68
CA SER A 230 -0.35 7.52 -23.16
C SER A 230 0.39 6.31 -22.61
N ASP A 231 1.51 5.94 -23.23
CA ASP A 231 2.32 4.81 -22.77
C ASP A 231 3.30 5.20 -21.68
N ILE A 232 2.90 6.11 -20.80
CA ILE A 232 3.78 6.58 -19.74
C ILE A 232 4.12 5.45 -18.78
N ASP A 233 3.10 4.76 -18.27
CA ASP A 233 3.30 3.64 -17.36
C ASP A 233 2.89 2.31 -17.98
N LEU A 234 2.89 2.21 -19.30
CA LEU A 234 2.69 0.93 -19.96
C LEU A 234 3.86 0.01 -19.61
N PRO A 235 3.62 -1.12 -18.97
CA PRO A 235 4.69 -1.88 -18.33
C PRO A 235 5.47 -2.73 -19.32
N PHE A 236 6.51 -3.38 -18.80
CA PHE A 236 7.36 -4.28 -19.58
C PHE A 236 6.74 -5.67 -19.56
N LEU A 237 6.32 -6.16 -20.72
CA LEU A 237 5.66 -7.45 -20.82
C LEU A 237 6.72 -8.53 -21.04
N LYS A 238 6.82 -9.44 -20.07
CA LYS A 238 7.76 -10.56 -20.18
C LYS A 238 7.18 -11.66 -21.06
N VAL A 239 8.06 -12.35 -21.78
CA VAL A 239 7.68 -13.44 -22.67
C VAL A 239 8.25 -14.74 -22.10
N GLY A 240 7.41 -15.76 -21.99
CA GLY A 240 7.82 -17.02 -21.44
C GLY A 240 8.67 -17.84 -22.39
N SER A 241 9.15 -18.98 -21.88
CA SER A 241 10.00 -19.86 -22.67
C SER A 241 9.22 -20.54 -23.80
N ASP A 242 7.90 -20.65 -23.68
CA ASP A 242 7.06 -21.15 -24.76
C ASP A 242 6.73 -20.08 -25.79
N GLU A 243 7.45 -18.96 -25.78
CA GLU A 243 7.23 -17.84 -26.69
C GLU A 243 5.81 -17.28 -26.56
N LYS A 244 5.21 -17.43 -25.39
CA LYS A 244 3.92 -16.82 -25.08
C LYS A 244 4.08 -15.87 -23.90
N ILE A 245 3.24 -14.84 -23.88
CA ILE A 245 3.37 -13.77 -22.89
C ILE A 245 2.98 -14.29 -21.52
N LEU A 246 3.81 -14.01 -20.52
CA LEU A 246 3.48 -14.35 -19.14
C LEU A 246 2.40 -13.40 -18.62
N ASP A 247 1.41 -13.98 -17.94
CA ASP A 247 0.30 -13.19 -17.43
C ASP A 247 0.69 -12.52 -16.11
N PHE A 248 -0.22 -11.71 -15.56
CA PHE A 248 0.08 -10.97 -14.34
C PHE A 248 0.23 -11.90 -13.15
N ASP A 249 -0.67 -12.89 -13.03
CA ASP A 249 -0.55 -13.87 -11.95
C ASP A 249 0.61 -14.84 -12.16
N GLU A 250 1.22 -14.84 -13.34
CA GLU A 250 2.35 -15.72 -13.62
C GLU A 250 3.70 -15.06 -13.39
N ALA A 251 3.79 -13.74 -13.57
CA ALA A 251 5.04 -13.04 -13.38
C ALA A 251 4.74 -11.57 -13.07
N ASP A 252 5.70 -10.92 -12.42
CA ASP A 252 5.56 -9.52 -12.01
C ASP A 252 6.20 -8.62 -13.06
N THR A 253 5.40 -7.71 -13.61
CA THR A 253 5.89 -6.72 -14.55
C THR A 253 6.40 -5.49 -13.81
N PHE A 254 7.03 -4.59 -14.55
CA PHE A 254 7.53 -3.35 -13.99
C PHE A 254 7.34 -2.23 -14.99
N THR A 255 7.42 -1.00 -14.50
CA THR A 255 7.21 0.21 -15.27
C THR A 255 8.52 0.93 -15.55
N PRO A 256 8.55 1.84 -16.54
CA PRO A 256 9.81 2.55 -16.81
C PRO A 256 10.36 3.31 -15.62
N LEU A 257 9.51 3.85 -14.74
CA LEU A 257 10.01 4.57 -13.58
C LEU A 257 10.74 3.62 -12.61
N MET A 258 10.28 2.38 -12.51
CA MET A 258 10.95 1.40 -11.65
C MET A 258 12.37 1.14 -12.13
N ALA A 259 12.52 0.85 -13.42
CA ALA A 259 13.86 0.61 -13.96
C ALA A 259 14.72 1.86 -13.90
N ALA A 260 14.11 3.04 -14.08
CA ALA A 260 14.86 4.28 -13.99
C ALA A 260 15.41 4.50 -12.58
N CYS A 261 14.57 4.26 -11.56
CA CYS A 261 15.03 4.39 -10.19
C CYS A 261 16.07 3.33 -9.84
N TYR A 262 15.96 2.13 -10.43
CA TYR A 262 16.94 1.10 -10.15
C TYR A 262 18.28 1.39 -10.82
N LEU A 263 18.27 2.06 -11.98
CA LEU A 263 19.50 2.36 -12.70
C LEU A 263 20.10 3.70 -12.30
N GLY A 264 19.33 4.60 -11.70
CA GLY A 264 19.86 5.86 -11.26
C GLY A 264 19.81 6.98 -12.27
N GLN A 265 18.86 6.94 -13.21
CA GLN A 265 18.74 7.97 -14.24
C GLN A 265 17.93 9.13 -13.67
N VAL A 266 18.64 10.03 -12.97
CA VAL A 266 17.98 11.09 -12.22
C VAL A 266 17.18 12.00 -13.14
N GLU A 267 17.74 12.37 -14.29
CA GLU A 267 17.03 13.26 -15.20
C GLU A 267 15.83 12.57 -15.84
N ASN A 268 16.00 11.30 -16.25
CA ASN A 268 14.86 10.54 -16.75
C ASN A 268 13.84 10.26 -15.66
N VAL A 269 14.30 10.09 -14.42
CA VAL A 269 13.37 9.94 -13.30
C VAL A 269 12.51 11.19 -13.16
N LYS A 270 13.15 12.36 -13.25
CA LYS A 270 12.40 13.62 -13.16
C LYS A 270 11.43 13.77 -14.33
N TRP A 271 11.88 13.39 -15.53
CA TRP A 271 11.01 13.46 -16.70
C TRP A 271 9.77 12.59 -16.51
N LEU A 272 9.97 11.32 -16.12
CA LEU A 272 8.86 10.42 -15.88
C LEU A 272 7.93 10.94 -14.80
N ILE A 273 8.50 11.45 -13.70
CA ILE A 273 7.68 11.95 -12.60
C ILE A 273 6.83 13.12 -13.06
N GLU A 274 7.43 14.08 -13.76
CA GLU A 274 6.68 15.22 -14.26
C GLU A 274 5.72 14.87 -15.39
N HIS A 275 5.86 13.68 -15.98
CA HIS A 275 4.93 13.21 -17.00
C HIS A 275 3.86 12.26 -16.43
N GLY A 276 3.51 12.44 -15.15
CA GLY A 276 2.39 11.73 -14.58
C GLY A 276 2.60 10.25 -14.33
N ALA A 277 3.84 9.84 -14.06
CA ALA A 277 4.10 8.44 -13.76
C ALA A 277 3.72 8.14 -12.32
N ASN A 278 2.98 7.04 -12.11
CA ASN A 278 2.56 6.63 -10.78
C ASN A 278 3.78 6.31 -9.92
N ILE A 279 4.19 7.27 -9.09
CA ILE A 279 5.36 7.08 -8.24
C ILE A 279 5.12 6.05 -7.15
N ASP A 280 3.86 5.72 -6.87
CA ASP A 280 3.52 4.73 -5.86
C ASP A 280 3.06 3.41 -6.49
N GLN A 281 3.37 3.19 -7.76
CA GLN A 281 3.04 1.92 -8.40
C GLN A 281 3.86 0.80 -7.78
N GLN A 282 3.20 -0.31 -7.47
CA GLN A 282 3.82 -1.43 -6.79
C GLN A 282 3.77 -2.67 -7.68
N GLN A 283 4.75 -3.55 -7.50
CA GLN A 283 4.67 -4.86 -8.12
C GLN A 283 3.65 -5.72 -7.40
N SER A 284 3.02 -6.63 -8.15
CA SER A 284 1.92 -7.41 -7.60
C SER A 284 2.42 -8.42 -6.57
N HIS A 285 3.31 -9.33 -6.98
CA HIS A 285 3.75 -10.40 -6.09
C HIS A 285 4.73 -9.89 -5.05
N SER A 286 5.85 -9.32 -5.50
CA SER A 286 6.89 -8.91 -4.56
C SER A 286 6.48 -7.67 -3.77
N GLY A 287 5.80 -6.73 -4.42
CA GLY A 287 5.46 -5.48 -3.78
C GLY A 287 6.51 -4.39 -3.90
N HIS A 288 7.52 -4.58 -4.74
CA HIS A 288 8.59 -3.60 -4.87
C HIS A 288 8.07 -2.32 -5.51
N CYS A 289 8.34 -1.20 -4.86
CA CYS A 289 8.00 0.14 -5.33
C CYS A 289 9.27 0.87 -5.76
N PRO A 290 9.14 2.02 -6.43
CA PRO A 290 10.33 2.79 -6.81
C PRO A 290 11.31 3.04 -5.67
N LEU A 291 10.82 3.25 -4.45
CA LEU A 291 11.72 3.50 -3.32
C LEU A 291 12.51 2.26 -2.96
N SER A 292 11.87 1.09 -2.96
CA SER A 292 12.58 -0.14 -2.65
C SER A 292 13.65 -0.45 -3.68
N LEU A 293 13.33 -0.24 -4.97
CA LEU A 293 14.31 -0.47 -6.02
C LEU A 293 15.44 0.55 -5.96
N THR A 294 15.13 1.78 -5.57
CA THR A 294 16.16 2.79 -5.36
C THR A 294 17.10 2.37 -4.23
N LEU A 295 16.54 1.84 -3.15
CA LEU A 295 17.37 1.37 -2.04
C LEU A 295 18.23 0.18 -2.47
N LYS A 296 17.67 -0.71 -3.28
CA LYS A 296 18.43 -1.85 -3.78
C LYS A 296 19.61 -1.39 -4.64
N GLY A 297 19.35 -0.45 -5.56
CA GLY A 297 20.43 0.09 -6.36
C GLY A 297 21.48 0.81 -5.53
N TYR A 298 21.04 1.54 -4.50
CA TYR A 298 21.97 2.18 -3.59
C TYR A 298 22.86 1.16 -2.90
N SER A 299 22.27 0.03 -2.47
CA SER A 299 23.04 -1.00 -1.82
C SER A 299 24.00 -1.69 -2.77
N LEU A 300 23.64 -1.78 -4.06
CA LEU A 300 24.45 -2.50 -5.02
C LEU A 300 25.46 -1.59 -5.74
N ALA A 301 24.97 -0.51 -6.36
CA ALA A 301 25.85 0.37 -7.11
C ALA A 301 26.83 1.07 -6.19
N LYS A 302 28.06 1.26 -6.68
CA LYS A 302 29.11 1.85 -5.86
C LYS A 302 28.85 3.33 -5.61
N ASP A 303 28.50 4.08 -6.65
CA ASP A 303 28.13 5.47 -6.49
C ASP A 303 26.82 5.55 -5.70
N THR A 304 26.82 6.36 -4.63
CA THR A 304 25.74 6.34 -3.65
C THR A 304 24.76 7.49 -3.82
N GLN A 305 25.26 8.73 -3.89
CA GLN A 305 24.39 9.90 -3.81
C GLN A 305 23.42 10.00 -4.98
N LYS A 306 23.70 9.31 -6.10
CA LYS A 306 22.80 9.36 -7.24
C LYS A 306 21.42 8.85 -6.89
N TYR A 307 21.33 7.86 -5.99
CA TYR A 307 20.03 7.39 -5.53
C TYR A 307 19.47 8.26 -4.42
N ILE A 308 20.33 8.95 -3.67
CA ILE A 308 19.87 9.91 -2.68
C ILE A 308 19.10 11.04 -3.37
N ASP A 309 19.57 11.46 -4.55
CA ASP A 309 18.85 12.48 -5.31
C ASP A 309 17.47 11.99 -5.72
N ILE A 310 17.37 10.72 -6.15
CA ILE A 310 16.07 10.18 -6.55
C ILE A 310 15.13 10.10 -5.36
N ILE A 311 15.64 9.69 -4.20
CA ILE A 311 14.82 9.63 -3.00
C ILE A 311 14.33 11.02 -2.61
N GLN A 312 15.22 12.02 -2.71
CA GLN A 312 14.83 13.39 -2.40
C GLN A 312 13.75 13.89 -3.35
N LEU A 313 13.87 13.57 -4.64
CA LEU A 313 12.86 13.99 -5.60
C LEU A 313 11.52 13.29 -5.32
N LEU A 314 11.56 12.00 -5.00
CA LEU A 314 10.33 11.29 -4.65
C LEU A 314 9.65 11.90 -3.44
N ILE A 315 10.44 12.25 -2.42
CA ILE A 315 9.86 12.89 -1.24
C ILE A 315 9.30 14.26 -1.59
N LYS A 316 9.99 15.00 -2.46
CA LYS A 316 9.51 16.32 -2.88
C LYS A 316 8.19 16.20 -3.64
N ASN A 317 7.98 15.11 -4.36
CA ASN A 317 6.72 14.88 -5.06
C ASN A 317 5.68 14.19 -4.19
N GLN A 318 5.87 14.20 -2.86
CA GLN A 318 4.90 13.66 -1.91
C GLN A 318 4.58 12.19 -2.17
N VAL A 319 5.63 11.40 -2.34
CA VAL A 319 5.45 9.95 -2.48
C VAL A 319 5.02 9.38 -1.13
N ASN A 320 4.23 8.32 -1.19
CA ASN A 320 3.77 7.65 0.03
C ASN A 320 4.91 6.82 0.60
N LEU A 321 5.59 7.38 1.60
CA LEU A 321 6.68 6.70 2.27
C LEU A 321 6.20 5.70 3.33
N LEU A 322 4.88 5.47 3.40
CA LEU A 322 4.30 4.52 4.35
C LEU A 322 4.10 3.14 3.74
N VAL A 323 4.73 2.86 2.59
CA VAL A 323 4.65 1.52 2.02
C VAL A 323 5.44 0.55 2.88
N HIS A 324 5.08 -0.73 2.77
CA HIS A 324 5.71 -1.78 3.55
C HIS A 324 5.86 -3.03 2.70
N ASP A 325 6.78 -3.90 3.12
CA ASP A 325 6.98 -5.19 2.47
C ASP A 325 6.12 -6.24 3.16
N ARG A 326 6.19 -7.48 2.65
CA ARG A 326 5.45 -8.57 3.26
C ARG A 326 6.01 -8.97 4.63
N SER A 327 7.12 -8.39 5.05
CA SER A 327 7.63 -8.53 6.41
C SER A 327 7.15 -7.42 7.32
N ASP A 328 6.14 -6.64 6.90
CA ASP A 328 5.57 -5.55 7.68
C ASP A 328 6.61 -4.50 8.05
N LYS A 329 7.66 -4.37 7.25
CA LYS A 329 8.72 -3.40 7.47
C LYS A 329 8.56 -2.27 6.47
N THR A 330 8.47 -1.04 6.96
CA THR A 330 8.16 0.12 6.14
C THR A 330 9.39 0.54 5.33
N PHE A 331 9.28 1.67 4.63
CA PHE A 331 10.42 2.20 3.89
C PHE A 331 11.54 2.61 4.83
N LEU A 332 11.20 3.20 5.97
CA LEU A 332 12.22 3.64 6.91
C LEU A 332 12.91 2.44 7.57
N HIS A 333 12.15 1.39 7.88
CA HIS A 333 12.72 0.19 8.47
C HIS A 333 13.85 -0.37 7.61
N ASN A 334 13.59 -0.56 6.32
CA ASN A 334 14.61 -1.11 5.44
C ASN A 334 15.67 -0.07 5.08
N ALA A 335 15.29 1.20 5.03
CA ALA A 335 16.26 2.24 4.67
C ALA A 335 17.32 2.40 5.75
N ALA A 336 16.94 2.24 7.02
CA ALA A 336 17.92 2.30 8.10
C ALA A 336 18.91 1.14 8.03
N LEU A 337 18.60 0.10 7.26
CA LEU A 337 19.47 -1.07 7.15
C LEU A 337 20.40 -0.99 5.94
N VAL A 338 20.12 -0.11 4.97
CA VAL A 338 20.91 -0.03 3.75
C VAL A 338 21.63 1.30 3.58
N LEU A 339 21.21 2.36 4.28
CA LEU A 339 21.83 3.67 4.15
C LEU A 339 22.85 3.87 5.26
N ASN A 340 23.96 4.52 4.92
CA ASN A 340 24.90 4.96 5.94
C ASN A 340 24.26 6.02 6.83
N ASN A 341 24.90 6.27 7.97
CA ASN A 341 24.35 7.23 8.93
C ASN A 341 24.16 8.60 8.30
N LEU A 342 25.10 9.01 7.44
CA LEU A 342 25.03 10.33 6.84
C LEU A 342 23.89 10.42 5.83
N ASP A 343 23.77 9.45 4.94
CA ASP A 343 22.69 9.47 3.95
C ASP A 343 21.33 9.22 4.60
N PHE A 344 21.29 8.39 5.65
CA PHE A 344 20.05 8.20 6.40
C PHE A 344 19.62 9.52 7.04
N GLN A 345 20.55 10.23 7.66
CA GLN A 345 20.24 11.53 8.23
C GLN A 345 19.84 12.52 7.14
N SER A 346 20.40 12.38 5.93
CA SER A 346 20.01 13.25 4.84
C SER A 346 18.57 13.01 4.41
N VAL A 347 18.15 11.75 4.33
CA VAL A 347 16.76 11.44 3.99
C VAL A 347 15.82 11.92 5.09
N VAL A 348 16.21 11.71 6.35
CA VAL A 348 15.42 12.24 7.47
C VAL A 348 15.31 13.75 7.37
N LYS A 349 16.39 14.42 6.94
CA LYS A 349 16.36 15.88 6.81
C LYS A 349 15.47 16.30 5.66
N PHE A 350 15.41 15.51 4.58
CA PHE A 350 14.46 15.77 3.51
C PHE A 350 13.04 15.73 4.03
N LEU A 351 12.70 14.65 4.75
CA LEU A 351 11.35 14.53 5.29
C LEU A 351 11.04 15.64 6.29
N ILE A 352 12.05 16.09 7.05
CA ILE A 352 11.87 17.21 7.97
C ILE A 352 11.60 18.49 7.19
N GLY A 353 12.36 18.74 6.12
CA GLY A 353 12.13 19.91 5.30
C GLY A 353 10.75 19.93 4.67
N GLN A 354 10.20 18.75 4.36
CA GLN A 354 8.79 18.71 3.96
C GLN A 354 7.88 19.10 5.11
N ASN A 355 8.25 18.71 6.34
CA ASN A 355 7.49 19.00 7.56
C ASN A 355 6.08 18.43 7.46
N PRO A 356 5.90 17.13 7.70
CA PRO A 356 4.58 16.52 7.55
C PRO A 356 3.61 17.03 8.61
N ILE A 357 2.34 16.65 8.43
CA ILE A 357 1.29 17.11 9.33
C ILE A 357 1.45 16.47 10.70
N ASP A 358 1.41 15.14 10.76
CA ASP A 358 1.55 14.38 12.01
C ASP A 358 2.74 13.45 11.88
N ILE A 359 3.73 13.63 12.75
CA ILE A 359 4.90 12.78 12.72
C ILE A 359 4.61 11.41 13.33
N ASN A 360 3.71 11.36 14.31
CA ASN A 360 3.44 10.12 15.02
C ASN A 360 2.92 9.01 14.11
N GLU A 361 2.39 9.37 12.94
CA GLU A 361 1.92 8.35 12.00
C GLU A 361 3.07 7.51 11.44
N TYR A 362 4.30 8.02 11.49
CA TYR A 362 5.46 7.23 11.07
C TYR A 362 5.91 6.25 12.13
N PHE A 363 5.55 6.48 13.40
CA PHE A 363 5.96 5.64 14.50
C PHE A 363 4.90 4.63 14.92
N THR A 364 3.67 4.78 14.44
CA THR A 364 2.61 3.85 14.83
C THR A 364 2.72 2.50 14.14
N TYR A 365 3.48 2.42 13.05
CA TYR A 365 3.65 1.16 12.34
C TYR A 365 4.66 0.27 13.06
N ILE A 366 4.37 -1.03 13.09
CA ILE A 366 5.23 -2.02 13.73
C ILE A 366 5.47 -3.16 12.75
N ASP A 367 6.60 -3.84 12.92
CA ASP A 367 6.99 -4.92 12.03
C ASP A 367 6.44 -6.25 12.55
N GLU A 368 6.93 -7.35 11.99
CA GLU A 368 6.51 -8.68 12.43
C GLU A 368 6.94 -8.99 13.86
N ASN A 369 7.99 -8.33 14.35
CA ASN A 369 8.44 -8.49 15.72
C ASN A 369 7.89 -7.43 16.64
N ASP A 370 6.88 -6.67 16.20
CA ASP A 370 6.24 -5.63 17.00
C ASP A 370 7.24 -4.54 17.40
N PHE A 371 8.10 -4.14 16.46
CA PHE A 371 9.09 -3.11 16.67
C PHE A 371 8.80 -1.94 15.73
N ASP A 372 8.78 -0.73 16.27
CA ASP A 372 8.64 0.46 15.43
C ASP A 372 9.98 0.84 14.82
N ILE A 373 10.10 2.07 14.34
CA ILE A 373 11.33 2.47 13.66
C ILE A 373 12.47 2.65 14.66
N VAL A 374 12.16 3.15 15.86
CA VAL A 374 13.20 3.33 16.87
C VAL A 374 13.59 1.99 17.48
N MET A 375 12.60 1.15 17.81
CA MET A 375 12.88 -0.19 18.30
C MET A 375 13.65 -1.00 17.27
N HIS A 376 13.38 -0.78 15.98
CA HIS A 376 14.13 -1.46 14.93
C HIS A 376 15.60 -1.06 14.96
N CYS A 377 15.86 0.24 15.08
CA CYS A 377 17.25 0.71 15.15
C CYS A 377 17.95 0.15 16.39
N TYR A 378 17.23 0.06 17.52
CA TYR A 378 17.84 -0.44 18.74
C TYR A 378 18.03 -1.95 18.72
N ASN A 379 17.25 -2.68 17.92
CA ASN A 379 17.43 -4.12 17.83
C ASN A 379 18.66 -4.47 17.01
N ASN A 380 19.00 -3.63 16.03
CA ASN A 380 20.18 -3.84 15.19
C ASN A 380 21.39 -3.04 15.66
N LYS A 381 21.34 -2.52 16.89
CA LYS A 381 22.44 -1.74 17.48
C LYS A 381 22.75 -0.49 16.66
N LEU A 382 21.74 0.08 16.02
CA LEU A 382 21.89 1.32 15.25
C LEU A 382 21.47 2.48 16.14
N PHE A 383 22.39 2.87 17.02
CA PHE A 383 22.06 3.87 18.04
C PHE A 383 21.95 5.27 17.44
N ASP A 384 22.85 5.62 16.53
CA ASP A 384 22.88 6.98 16.00
C ASP A 384 21.65 7.28 15.16
N LYS A 385 21.19 6.31 14.37
CA LYS A 385 19.98 6.51 13.59
C LYS A 385 18.76 6.64 14.50
N ALA A 386 18.73 5.88 15.58
CA ALA A 386 17.67 6.07 16.57
C ALA A 386 17.72 7.46 17.18
N LEU A 387 18.94 7.98 17.41
CA LEU A 387 19.08 9.33 17.95
C LEU A 387 18.54 10.37 16.99
N VAL A 388 18.84 10.23 15.70
CA VAL A 388 18.35 11.22 14.74
C VAL A 388 16.84 11.08 14.54
N LEU A 389 16.31 9.86 14.68
CA LEU A 389 14.86 9.69 14.62
C LEU A 389 14.18 10.35 15.80
N LEU A 390 14.75 10.20 17.00
CA LEU A 390 14.24 10.92 18.17
C LEU A 390 14.40 12.42 18.00
N ALA A 391 15.42 12.86 17.26
CA ALA A 391 15.56 14.28 16.95
C ALA A 391 14.43 14.76 16.06
N PHE A 392 14.00 13.93 15.11
CA PHE A 392 12.82 14.26 14.32
C PHE A 392 11.59 14.42 15.21
N TYR A 393 11.26 13.38 15.96
CA TYR A 393 10.10 13.39 16.85
C TYR A 393 10.57 13.34 18.30
N PRO A 394 10.65 14.46 19.01
CA PRO A 394 11.15 14.44 20.39
C PRO A 394 10.12 13.90 21.38
N ASP A 395 8.84 14.10 21.08
CA ASP A 395 7.75 13.64 21.92
C ASP A 395 7.40 12.18 21.69
N TYR A 396 8.36 11.38 21.25
CA TYR A 396 8.09 9.97 20.95
C TYR A 396 7.68 9.21 22.20
N PHE A 397 8.46 9.35 23.28
CA PHE A 397 8.11 8.66 24.52
C PHE A 397 6.96 9.34 25.23
N LYS A 398 6.84 10.66 25.11
CA LYS A 398 5.78 11.38 25.82
C LYS A 398 4.40 10.99 25.30
N ARG A 399 4.28 10.77 24.00
CA ARG A 399 2.97 10.46 23.41
C ARG A 399 2.68 8.97 23.40
N ASN A 400 3.69 8.13 23.17
CA ASN A 400 3.47 6.69 23.02
C ASN A 400 3.72 5.90 24.30
N TYR A 401 4.51 6.43 25.25
CA TYR A 401 4.81 5.71 26.47
C TYR A 401 4.18 6.33 27.72
N MET A 402 3.70 7.58 27.64
CA MET A 402 3.14 8.29 28.78
C MET A 402 1.85 8.98 28.33
N SER A 403 0.84 8.19 28.01
CA SER A 403 -0.45 8.69 27.57
C SER A 403 -1.55 8.25 28.54
N ASP A 404 -2.79 8.52 28.17
CA ASP A 404 -3.91 8.13 29.02
C ASP A 404 -4.13 6.62 28.97
N ASN A 405 -4.17 6.05 27.77
CA ASN A 405 -4.36 4.60 27.60
C ASN A 405 -3.11 3.88 28.11
N GLU A 406 -3.19 3.34 29.32
CA GLU A 406 -2.08 2.60 29.88
C GLU A 406 -1.79 1.32 29.11
N GLY A 407 -2.77 0.81 28.37
CA GLY A 407 -2.54 -0.39 27.57
C GLY A 407 -1.50 -0.18 26.49
N HIS A 408 -1.65 0.90 25.72
CA HIS A 408 -0.67 1.21 24.69
C HIS A 408 0.70 1.51 25.29
N ASN A 409 0.72 2.21 26.43
CA ASN A 409 1.99 2.51 27.10
C ASN A 409 2.70 1.22 27.49
N GLN A 410 1.99 0.30 28.13
CA GLN A 410 2.60 -0.96 28.55
C GLN A 410 3.00 -1.80 27.34
N PHE A 411 2.23 -1.74 26.26
CA PHE A 411 2.58 -2.48 25.05
C PHE A 411 3.89 -1.97 24.46
N ASN A 412 4.04 -0.65 24.37
CA ASN A 412 5.29 -0.08 23.87
C ASN A 412 6.45 -0.43 24.80
N ILE A 413 6.21 -0.39 26.11
CA ILE A 413 7.26 -0.73 27.07
C ILE A 413 7.72 -2.17 26.86
N ASN A 414 6.78 -3.10 26.77
CA ASN A 414 7.12 -4.50 26.59
C ASN A 414 7.77 -4.76 25.24
N ALA A 415 7.38 -4.02 24.20
CA ALA A 415 8.01 -4.19 22.90
C ALA A 415 9.45 -3.72 22.93
N PHE A 416 9.71 -2.56 23.54
CA PHE A 416 11.09 -2.09 23.67
C PHE A 416 11.92 -3.04 24.52
N ARG A 417 11.32 -3.61 25.57
CA ARG A 417 12.03 -4.59 26.39
C ARG A 417 12.38 -5.84 25.58
N LYS A 418 11.43 -6.35 24.80
CA LYS A 418 11.71 -7.51 23.95
C LYS A 418 12.77 -7.18 22.92
N ALA A 419 12.84 -5.93 22.47
CA ALA A 419 13.87 -5.54 21.52
C ALA A 419 15.25 -5.53 22.17
N ILE A 420 15.36 -4.96 23.37
CA ILE A 420 16.65 -4.82 24.02
C ILE A 420 16.97 -6.05 24.86
N LYS A 421 16.13 -7.09 24.75
CA LYS A 421 16.35 -8.32 25.50
C LYS A 421 17.75 -8.87 25.31
N ASP A 422 18.19 -9.01 24.05
CA ASP A 422 19.48 -9.62 23.74
C ASP A 422 20.59 -8.57 23.75
N PHE A 423 20.81 -7.98 24.92
CA PHE A 423 21.84 -6.99 25.13
C PHE A 423 22.79 -7.42 26.23
N ASN A 424 24.00 -6.86 26.21
CA ASN A 424 24.96 -7.04 27.28
C ASN A 424 24.99 -5.78 28.14
N SER A 425 25.85 -5.79 29.16
CA SER A 425 25.88 -4.67 30.11
C SER A 425 26.33 -3.38 29.46
N ASN A 426 27.31 -3.46 28.56
CA ASN A 426 27.84 -2.26 27.92
C ASN A 426 26.80 -1.59 27.03
N GLU A 427 26.06 -2.39 26.25
CA GLU A 427 25.05 -1.83 25.36
C GLU A 427 23.90 -1.21 26.16
N ARG A 428 23.45 -1.88 27.21
CA ARG A 428 22.41 -1.31 28.06
C ARG A 428 22.89 -0.02 28.73
N SER A 429 24.15 0.01 29.15
CA SER A 429 24.71 1.19 29.78
C SER A 429 24.74 2.37 28.81
N ILE A 430 25.25 2.15 27.60
CA ILE A 430 25.30 3.24 26.63
C ILE A 430 23.90 3.65 26.20
N LEU A 431 22.95 2.71 26.20
CA LEU A 431 21.57 3.06 25.84
C LEU A 431 20.97 3.99 26.90
N LEU A 432 21.08 3.61 28.18
CA LEU A 432 20.56 4.47 29.24
C LEU A 432 21.27 5.81 29.27
N MET A 433 22.58 5.81 29.04
CA MET A 433 23.34 7.05 28.95
C MET A 433 22.77 7.95 27.87
N GLN A 434 22.74 7.47 26.62
CA GLN A 434 22.24 8.27 25.51
C GLN A 434 20.80 8.71 25.74
N LEU A 435 20.00 7.91 26.44
CA LEU A 435 18.65 8.34 26.80
C LEU A 435 18.70 9.54 27.73
N ARG A 436 19.62 9.53 28.70
CA ARG A 436 19.67 10.62 29.66
C ARG A 436 20.29 11.89 29.07
N GLU A 437 21.32 11.75 28.23
CA GLU A 437 21.98 12.92 27.64
C GLU A 437 21.14 13.55 26.54
N SER A 438 20.11 12.85 26.05
CA SER A 438 19.32 13.37 24.93
C SER A 438 18.52 14.61 25.31
N GLY A 439 18.36 14.90 26.59
CA GLY A 439 17.57 16.05 27.00
C GLY A 439 16.09 15.93 26.73
N LEU A 440 15.59 14.71 26.52
CA LEU A 440 14.17 14.50 26.30
C LEU A 440 13.36 14.52 27.59
N HIS A 441 13.99 14.76 28.74
CA HIS A 441 13.32 14.85 30.03
C HIS A 441 12.54 13.57 30.33
N LEU A 442 13.25 12.45 30.31
CA LEU A 442 12.64 11.16 30.60
C LEU A 442 12.56 10.95 32.11
N PRO A 443 11.39 10.69 32.68
CA PRO A 443 11.30 10.44 34.12
C PRO A 443 11.99 9.14 34.50
N GLU A 444 12.32 9.04 35.79
CA GLU A 444 13.12 7.92 36.26
C GLU A 444 12.34 6.61 36.27
N ASP A 445 11.03 6.67 36.45
CA ASP A 445 10.23 5.44 36.52
C ASP A 445 10.34 4.64 35.22
N LEU A 446 10.19 5.31 34.08
CA LEU A 446 10.32 4.63 32.80
C LEU A 446 11.73 4.09 32.60
N LEU A 447 12.74 4.89 32.98
CA LEU A 447 14.12 4.44 32.87
C LEU A 447 14.35 3.18 33.70
N GLU A 448 13.60 3.01 34.80
CA GLU A 448 13.66 1.77 35.56
C GLU A 448 12.81 0.68 34.91
N GLN A 449 11.61 1.04 34.44
CA GLN A 449 10.74 0.04 33.83
C GLN A 449 11.29 -0.47 32.50
N LEU A 450 12.09 0.34 31.81
CA LEU A 450 12.66 -0.08 30.53
C LEU A 450 13.65 -1.23 30.70
N GLY A 451 14.34 -1.28 31.84
CA GLY A 451 15.30 -2.34 32.09
C GLY A 451 16.13 -2.11 33.35
N ALA B 1 -0.53 -2.46 7.05
CA ALA B 1 -1.67 -2.08 7.88
C ALA B 1 -1.43 -2.45 9.34
N ARG B 2 -0.26 -3.05 9.62
CA ARG B 2 0.08 -3.48 10.97
C ARG B 2 0.59 -2.28 11.75
N THR B 3 -0.34 -1.53 12.33
CA THR B 3 -0.02 -0.41 13.19
C THR B 3 -0.07 -0.85 14.65
N LYS B 4 0.10 0.12 15.55
CA LYS B 4 -0.01 -0.19 16.98
C LYS B 4 -1.43 -0.61 17.36
N GLN B 5 -2.41 -0.31 16.52
CA GLN B 5 -3.76 -0.84 16.66
C GLN B 5 -3.90 -2.05 15.75
N THR B 6 -3.30 -3.16 16.18
CA THR B 6 -3.25 -4.38 15.39
C THR B 6 -4.64 -4.91 15.06
CA LYS B 9 -13.33 -4.40 7.79
C LYS B 9 -13.79 -3.61 9.00
N SER B 10 -13.37 -2.34 9.08
CA SER B 10 -13.71 -1.49 10.21
C SER B 10 -13.75 -0.04 9.74
N THR B 11 -14.37 0.80 10.56
CA THR B 11 -14.47 2.23 10.27
C THR B 11 -13.31 2.98 10.93
N GLY B 12 -13.07 4.19 10.43
CA GLY B 12 -12.00 5.02 10.94
C GLY B 12 -11.35 5.89 9.89
N SAH C . -12.55 -9.84 -3.34
CA SAH C . -13.99 -10.03 -3.24
CB SAH C . -14.64 -8.80 -2.60
CG SAH C . -13.79 -8.10 -1.54
SD SAH C . -14.15 -8.73 0.11
C SAH C . -14.62 -10.31 -4.59
O SAH C . -13.94 -10.24 -5.62
OXT SAH C . -15.80 -10.61 -4.69
C5' SAH C . -12.39 -9.04 0.43
C4' SAH C . -11.89 -10.34 -0.19
O4' SAH C . -11.16 -10.03 -1.36
C3' SAH C . -10.98 -11.10 0.76
O3' SAH C . -11.54 -12.36 1.07
C2' SAH C . -9.67 -11.29 0.02
O2' SAH C . -9.48 -12.66 -0.24
C1' SAH C . -9.85 -10.56 -1.30
N9 SAH C . -8.88 -9.44 -1.37
C8 SAH C . -9.03 -8.21 -0.79
N7 SAH C . -7.95 -7.46 -1.07
C5 SAH C . -7.10 -8.19 -1.82
C6 SAH C . -5.86 -7.90 -2.37
N6 SAH C . -5.31 -6.71 -2.18
N1 SAH C . -5.20 -8.86 -3.10
C2 SAH C . -5.78 -10.10 -3.29
N3 SAH C . -7.01 -10.38 -2.74
C4 SAH C . -7.67 -9.44 -2.02
#